data_7PGG
#
_entry.id   7PGG
#
_cell.length_a   157.471
_cell.length_b   157.471
_cell.length_c   106.394
_cell.angle_alpha   90.000
_cell.angle_beta   90.000
_cell.angle_gamma   90.000
#
_symmetry.space_group_name_H-M   'P 43 21 2'
#
loop_
_entity.id
_entity.type
_entity.pdbx_description
1 polymer 'Ion transport protein'
2 non-polymer '2-{[(S)-(2-aminoethoxy)(hydroxy)phosphoryl]oxy}ethyl heptadecanoate'
#
_entity_poly.entity_id   1
_entity_poly.type   'polypeptide(L)'
_entity_poly.pdbx_seq_one_letter_code
;VESL(MSE)QALPGIGWTAALLL(MSE)(MSE)FYIFAV(MSE)GTELFGEAFPQWFGSLGASIYSLFQI(MSE)TLESW
S(MSE)GIARPV(MSE)EVYPLAWIFFVPFILISSF(MSE)VLNLFIAIIVSATQEVHESEQRAEREANNLIAHDERQE
(MSE)LDL(MSE)RA(MSE)HAKIVALEQQGA
;
_entity_poly.pdbx_strand_id   A,B
#
# COMPACT_ATOMS: atom_id res chain seq x y z
N VAL A 1 15.96 -15.35 -3.06
CA VAL A 1 15.39 -15.54 -1.73
C VAL A 1 13.93 -15.96 -1.87
N GLU A 2 13.43 -16.71 -0.88
CA GLU A 2 12.04 -17.13 -0.86
C GLU A 2 11.14 -16.15 -0.10
N SER A 3 11.58 -14.90 0.03
CA SER A 3 10.71 -13.80 0.42
C SER A 3 10.48 -12.81 -0.71
N LEU A 4 11.37 -12.76 -1.70
CA LEU A 4 11.05 -12.10 -2.96
C LEU A 4 9.87 -12.82 -3.63
N GLN A 6 7.51 -14.22 -2.20
CA GLN A 6 6.33 -13.74 -1.49
C GLN A 6 5.69 -12.55 -2.23
N ALA A 7 6.51 -11.68 -2.82
CA ALA A 7 6.05 -10.42 -3.38
C ALA A 7 5.70 -10.49 -4.86
N LEU A 8 5.96 -11.62 -5.53
CA LEU A 8 5.75 -11.71 -6.97
C LEU A 8 4.30 -11.56 -7.40
N PRO A 9 3.31 -12.17 -6.73
CA PRO A 9 1.92 -11.98 -7.20
C PRO A 9 1.48 -10.52 -7.22
N GLY A 10 1.95 -9.72 -6.25
CA GLY A 10 1.65 -8.30 -6.28
C GLY A 10 2.41 -7.58 -7.38
N ILE A 11 3.59 -8.07 -7.74
CA ILE A 11 4.32 -7.46 -8.84
C ILE A 11 3.59 -7.67 -10.16
N GLY A 12 3.04 -8.87 -10.37
CA GLY A 12 2.25 -9.12 -11.56
C GLY A 12 1.00 -8.27 -11.63
N TRP A 13 0.38 -8.01 -10.48
CA TRP A 13 -0.80 -7.15 -10.43
C TRP A 13 -0.45 -5.74 -10.92
N THR A 14 0.68 -5.21 -10.47
CA THR A 14 1.14 -3.91 -10.95
C THR A 14 1.53 -3.99 -12.42
N ALA A 15 2.31 -5.01 -12.79
CA ALA A 15 2.70 -5.17 -14.19
C ALA A 15 1.50 -5.38 -15.09
N ALA A 16 0.51 -6.13 -14.60
CA ALA A 16 -0.70 -6.35 -15.40
C ALA A 16 -1.44 -5.05 -15.65
N LEU A 17 -1.76 -4.32 -14.58
CA LEU A 17 -2.50 -3.07 -14.72
C LEU A 17 -1.68 -2.02 -15.46
N LEU A 18 -0.36 -2.18 -15.54
CA LEU A 18 0.45 -1.25 -16.32
C LEU A 18 0.21 -1.41 -17.81
N LEU A 19 0.26 -2.65 -18.31
CA LEU A 19 -0.06 -2.88 -19.72
C LEU A 19 -1.51 -2.54 -20.03
N PHE A 22 -1.66 1.15 -20.79
CA PHE A 22 -1.30 1.48 -22.16
C PHE A 22 -2.49 1.27 -23.12
N TYR A 23 -3.11 0.09 -23.05
CA TYR A 23 -4.22 -0.22 -23.95
C TYR A 23 -5.37 0.77 -23.85
N ILE A 24 -5.75 1.15 -22.63
CA ILE A 24 -6.90 2.06 -22.51
C ILE A 24 -6.55 3.46 -23.01
N PHE A 25 -5.33 3.93 -22.75
CA PHE A 25 -4.89 5.19 -23.33
C PHE A 25 -4.54 5.07 -24.80
N ALA A 26 -4.19 3.87 -25.26
CA ALA A 26 -3.94 3.71 -26.69
C ALA A 26 -5.23 3.81 -27.49
N VAL A 27 -6.30 3.20 -27.01
CA VAL A 27 -7.60 3.34 -27.66
C VAL A 27 -8.06 4.80 -27.60
N GLY A 29 -6.23 7.51 -27.23
CA GLY A 29 -5.40 8.34 -28.08
C GLY A 29 -5.78 8.24 -29.54
N THR A 30 -6.17 7.03 -29.99
CA THR A 30 -6.54 6.84 -31.39
C THR A 30 -7.76 7.67 -31.76
N GLU A 31 -8.79 7.64 -30.93
CA GLU A 31 -9.99 8.40 -31.24
C GLU A 31 -9.75 9.90 -31.12
N LEU A 32 -9.14 10.34 -30.02
CA LEU A 32 -8.94 11.77 -29.82
C LEU A 32 -8.02 12.36 -30.90
N PHE A 33 -6.97 11.62 -31.26
CA PHE A 33 -5.83 12.20 -31.96
C PHE A 33 -5.55 11.57 -33.32
N GLY A 34 -6.18 10.44 -33.65
CA GLY A 34 -5.77 9.68 -34.83
C GLY A 34 -6.04 10.37 -36.15
N GLU A 35 -7.12 11.17 -36.22
CA GLU A 35 -7.46 11.81 -37.48
C GLU A 35 -6.49 12.94 -37.80
N ALA A 36 -6.10 13.73 -36.79
CA ALA A 36 -5.15 14.81 -37.01
C ALA A 36 -3.70 14.36 -36.97
N PHE A 37 -3.42 13.21 -36.37
CA PHE A 37 -2.04 12.72 -36.21
C PHE A 37 -1.99 11.24 -36.55
N PRO A 38 -2.18 10.90 -37.84
CA PRO A 38 -2.21 9.47 -38.22
C PRO A 38 -0.89 8.77 -37.97
N GLN A 39 0.23 9.49 -38.08
CA GLN A 39 1.53 8.86 -37.91
C GLN A 39 1.77 8.45 -36.45
N TRP A 40 1.08 9.12 -35.52
CA TRP A 40 1.26 8.91 -34.09
C TRP A 40 0.11 8.20 -33.43
N PHE A 41 -1.12 8.41 -33.90
CA PHE A 41 -2.29 7.82 -33.26
C PHE A 41 -3.30 7.28 -34.27
N GLY A 42 -2.93 7.14 -35.54
CA GLY A 42 -3.87 6.69 -36.56
C GLY A 42 -4.37 5.26 -36.35
N SER A 43 -3.70 4.49 -35.50
CA SER A 43 -4.12 3.13 -35.23
C SER A 43 -3.79 2.79 -33.79
N LEU A 44 -4.27 1.63 -33.35
CA LEU A 44 -3.99 1.18 -31.98
C LEU A 44 -2.51 0.83 -31.82
N GLY A 45 -1.94 0.16 -32.82
CA GLY A 45 -0.50 -0.12 -32.79
C GLY A 45 0.34 1.15 -32.85
N ALA A 46 -0.09 2.13 -33.64
CA ALA A 46 0.63 3.40 -33.69
C ALA A 46 0.51 4.14 -32.36
N SER A 47 -0.67 4.10 -31.73
CA SER A 47 -0.87 4.80 -30.47
C SER A 47 -0.08 4.13 -29.34
N ILE A 48 -0.07 2.80 -29.31
CA ILE A 48 0.61 2.09 -28.22
C ILE A 48 2.11 2.36 -28.28
N TYR A 49 2.64 2.59 -29.48
CA TYR A 49 4.07 2.82 -29.64
C TYR A 49 4.43 4.27 -29.43
N SER A 50 3.51 5.20 -29.74
CA SER A 50 3.73 6.60 -29.39
C SER A 50 3.72 6.78 -27.88
N LEU A 51 2.80 6.11 -27.18
CA LEU A 51 2.79 6.17 -25.72
C LEU A 51 4.06 5.58 -25.13
N PHE A 52 4.57 4.49 -25.73
CA PHE A 52 5.82 3.90 -25.26
C PHE A 52 6.99 4.86 -25.38
N GLN A 53 7.10 5.55 -26.52
CA GLN A 53 8.18 6.51 -26.69
C GLN A 53 8.13 7.61 -25.65
N ILE A 54 6.93 8.09 -25.32
CA ILE A 54 6.79 9.16 -24.34
C ILE A 54 7.33 8.70 -22.98
N THR A 56 9.46 6.21 -22.30
CA THR A 56 10.88 5.91 -22.34
C THR A 56 11.73 7.12 -22.68
N LEU A 57 11.19 8.32 -22.45
CA LEU A 57 11.91 9.57 -22.62
C LEU A 57 12.57 9.68 -24.00
N GLU A 58 11.94 9.11 -25.02
CA GLU A 58 12.32 9.46 -26.40
C GLU A 58 11.11 10.23 -26.89
N SER A 59 11.09 11.47 -26.45
CA SER A 59 10.11 12.51 -26.69
C SER A 59 10.56 13.82 -26.06
N TRP A 60 11.81 13.94 -25.61
CA TRP A 60 12.28 15.30 -25.34
C TRP A 60 12.64 15.98 -26.64
N SER A 61 13.33 15.24 -27.50
CA SER A 61 13.88 15.82 -28.72
C SER A 61 12.80 15.91 -29.79
N GLY A 63 9.44 15.43 -29.32
CA GLY A 63 8.42 15.38 -28.28
C GLY A 63 6.97 15.31 -28.71
N ILE A 64 6.51 14.13 -29.14
CA ILE A 64 5.16 13.89 -29.64
C ILE A 64 4.08 14.59 -28.82
N ALA A 65 4.22 14.56 -27.50
CA ALA A 65 3.19 15.12 -26.63
C ALA A 65 2.91 16.59 -26.93
N ARG A 66 3.94 17.35 -27.29
CA ARG A 66 3.86 18.80 -27.37
C ARG A 66 3.17 19.34 -28.62
N PRO A 67 3.47 18.86 -29.84
CA PRO A 67 2.71 19.30 -31.00
C PRO A 67 1.24 18.95 -30.91
N VAL A 68 0.90 17.84 -30.26
CA VAL A 68 -0.51 17.50 -30.06
C VAL A 68 -1.16 18.52 -29.12
N GLU A 70 -0.27 21.58 -28.89
CA GLU A 70 -0.45 22.79 -29.70
C GLU A 70 -1.76 22.79 -30.47
N VAL A 71 -2.02 21.73 -31.22
CA VAL A 71 -3.25 21.66 -32.00
C VAL A 71 -4.46 21.52 -31.07
N TYR A 72 -4.35 20.65 -30.07
CA TYR A 72 -5.42 20.45 -29.09
C TYR A 72 -4.96 21.00 -27.75
N PRO A 73 -5.45 22.15 -27.31
CA PRO A 73 -4.95 22.73 -26.05
C PRO A 73 -5.32 21.90 -24.83
N LEU A 74 -6.43 21.18 -24.85
CA LEU A 74 -6.84 20.45 -23.66
C LEU A 74 -6.18 19.07 -23.59
N ALA A 75 -5.24 18.78 -24.50
CA ALA A 75 -4.65 17.44 -24.60
C ALA A 75 -3.91 17.01 -23.35
N TRP A 76 -3.63 17.92 -22.40
CA TRP A 76 -2.97 17.51 -21.17
C TRP A 76 -3.89 16.68 -20.29
N ILE A 77 -5.21 16.82 -20.44
CA ILE A 77 -6.15 15.95 -19.74
C ILE A 77 -5.95 14.50 -20.15
N PHE A 78 -5.30 14.26 -21.29
CA PHE A 78 -4.92 12.93 -21.71
C PHE A 78 -3.51 12.56 -21.27
N PHE A 79 -2.54 13.44 -21.54
CA PHE A 79 -1.14 13.12 -21.33
C PHE A 79 -0.78 13.11 -19.85
N VAL A 80 -1.19 14.14 -19.10
CA VAL A 80 -0.80 14.22 -17.69
C VAL A 80 -1.28 13.02 -16.89
N PRO A 81 -2.55 12.60 -16.96
CA PRO A 81 -2.92 11.35 -16.26
C PRO A 81 -2.14 10.14 -16.73
N PHE A 82 -1.87 10.04 -18.03
CA PHE A 82 -1.09 8.92 -18.55
C PHE A 82 0.30 8.86 -17.92
N ILE A 83 1.06 9.94 -18.02
CA ILE A 83 2.43 9.96 -17.51
C ILE A 83 2.45 9.73 -16.01
N LEU A 84 1.46 10.27 -15.29
CA LEU A 84 1.42 10.08 -13.84
C LEU A 84 1.12 8.63 -13.47
N ILE A 85 0.05 8.06 -14.03
CA ILE A 85 -0.38 6.74 -13.59
C ILE A 85 0.61 5.66 -14.03
N SER A 86 1.22 5.81 -15.21
CA SER A 86 2.17 4.81 -15.64
C SER A 86 3.55 4.96 -14.99
N SER A 87 3.93 6.16 -14.58
CA SER A 87 5.12 6.30 -13.75
C SER A 87 4.89 5.74 -12.35
N PHE A 88 3.69 5.95 -11.80
CA PHE A 88 3.38 5.47 -10.45
C PHE A 88 3.34 3.95 -10.38
N VAL A 90 5.29 1.93 -12.45
CA VAL A 90 6.70 1.56 -12.52
C VAL A 90 7.38 1.79 -11.17
N LEU A 91 6.98 2.87 -10.49
CA LEU A 91 7.50 3.11 -9.14
C LEU A 91 7.13 1.98 -8.20
N ASN A 92 5.87 1.52 -8.25
CA ASN A 92 5.42 0.46 -7.36
C ASN A 92 6.08 -0.87 -7.67
N LEU A 93 6.61 -1.06 -8.88
CA LEU A 93 7.38 -2.27 -9.16
C LEU A 93 8.65 -2.31 -8.33
N PHE A 94 9.34 -1.18 -8.21
CA PHE A 94 10.57 -1.14 -7.41
C PHE A 94 10.26 -1.12 -5.92
N ILE A 95 9.20 -0.41 -5.52
CA ILE A 95 8.81 -0.39 -4.11
C ILE A 95 8.51 -1.79 -3.60
N ALA A 96 7.77 -2.58 -4.39
CA ALA A 96 7.44 -3.94 -3.99
C ALA A 96 8.70 -4.77 -3.74
N ILE A 97 9.74 -4.54 -4.54
CA ILE A 97 11.00 -5.25 -4.32
C ILE A 97 11.72 -4.72 -3.09
N ILE A 98 11.72 -3.39 -2.91
CA ILE A 98 12.37 -2.80 -1.74
C ILE A 98 11.68 -3.24 -0.45
N VAL A 99 10.35 -3.18 -0.43
CA VAL A 99 9.61 -3.57 0.77
C VAL A 99 9.82 -5.04 1.11
N SER A 100 9.92 -5.88 0.07
CA SER A 100 10.17 -7.31 0.31
C SER A 100 11.50 -7.53 1.03
N ALA A 101 12.53 -6.78 0.64
CA ALA A 101 13.84 -6.95 1.28
C ALA A 101 13.83 -6.41 2.71
N THR A 102 13.36 -5.17 2.88
CA THR A 102 13.39 -4.56 4.22
C THR A 102 12.48 -5.28 5.20
N GLN A 103 11.43 -5.95 4.71
CA GLN A 103 10.57 -6.75 5.59
C GLN A 103 11.29 -7.99 6.08
N GLU A 104 12.08 -8.63 5.20
CA GLU A 104 12.81 -9.83 5.60
C GLU A 104 13.88 -9.49 6.64
N VAL A 105 14.55 -8.34 6.48
CA VAL A 105 15.53 -7.91 7.47
C VAL A 105 14.84 -7.61 8.79
N HIS A 106 13.69 -6.95 8.74
CA HIS A 106 12.99 -6.55 9.97
C HIS A 106 12.52 -7.78 10.74
N GLU A 107 12.00 -8.79 10.05
CA GLU A 107 11.59 -10.02 10.73
C GLU A 107 12.78 -10.74 11.34
N SER A 108 13.94 -10.65 10.70
CA SER A 108 15.10 -11.36 11.18
C SER A 108 15.63 -10.68 12.45
N GLU A 109 15.57 -9.34 12.49
CA GLU A 109 15.97 -8.59 13.67
C GLU A 109 15.04 -8.87 14.86
N GLN A 110 13.79 -9.26 14.59
CA GLN A 110 12.87 -9.45 15.71
C GLN A 110 13.04 -10.82 16.36
N ARG A 111 13.35 -11.85 15.57
CA ARG A 111 13.75 -13.11 16.18
C ARG A 111 15.05 -12.94 16.96
N ALA A 112 15.98 -12.14 16.44
CA ALA A 112 17.22 -11.87 17.17
C ALA A 112 16.93 -11.22 18.51
N GLU A 113 15.89 -10.42 18.59
CA GLU A 113 15.65 -9.66 19.80
C GLU A 113 14.89 -10.53 20.82
N ARG A 114 14.02 -11.46 20.33
CA ARG A 114 13.32 -12.37 21.24
C ARG A 114 14.25 -13.37 21.92
N GLU A 115 15.09 -14.04 21.14
CA GLU A 115 16.07 -14.95 21.72
C GLU A 115 17.15 -14.22 22.48
N ALA A 116 17.36 -12.92 22.20
CA ALA A 116 18.23 -12.12 23.04
C ALA A 116 17.65 -11.97 24.44
N ASN A 117 16.34 -11.68 24.52
CA ASN A 117 15.69 -11.56 25.82
C ASN A 117 15.47 -12.93 26.47
N ASN A 118 15.09 -13.92 25.67
CA ASN A 118 14.89 -15.27 26.22
C ASN A 118 16.20 -15.84 26.76
N LEU A 119 17.33 -15.42 26.22
CA LEU A 119 18.62 -15.82 26.79
C LEU A 119 18.87 -15.13 28.13
N ILE A 120 18.65 -13.81 28.18
CA ILE A 120 18.84 -13.07 29.43
C ILE A 120 17.94 -13.61 30.51
N ALA A 121 16.68 -13.93 30.16
CA ALA A 121 15.76 -14.48 31.15
C ALA A 121 16.25 -15.83 31.66
N HIS A 122 16.70 -16.70 30.74
CA HIS A 122 17.29 -17.98 31.12
C HIS A 122 18.45 -17.76 32.09
N ASP A 123 19.41 -16.92 31.71
CA ASP A 123 20.64 -16.78 32.47
C ASP A 123 20.39 -16.17 33.84
N GLU A 124 19.47 -15.20 33.93
CA GLU A 124 19.18 -14.59 35.22
C GLU A 124 18.54 -15.58 36.18
N ARG A 125 17.65 -16.44 35.68
CA ARG A 125 17.04 -17.45 36.55
C ARG A 125 18.03 -18.55 36.88
N GLN A 126 18.86 -18.94 35.91
CA GLN A 126 19.84 -19.98 36.18
C GLN A 126 20.84 -19.53 37.21
N GLU A 127 21.19 -18.24 37.23
CA GLU A 127 22.16 -17.81 38.23
C GLU A 127 21.48 -17.64 39.58
N LEU A 129 19.14 -19.92 40.67
CA LEU A 129 19.25 -21.31 41.10
C LEU A 129 20.64 -21.60 41.66
N ASP A 130 21.69 -21.18 40.94
CA ASP A 130 23.05 -21.38 41.43
C ASP A 130 23.23 -20.75 42.80
N LEU A 131 22.71 -19.54 43.00
CA LEU A 131 22.79 -18.93 44.31
C LEU A 131 21.89 -19.62 45.32
N ARG A 133 21.32 -22.92 45.49
CA ARG A 133 21.88 -24.21 45.87
C ARG A 133 23.03 -24.03 46.85
N ALA A 134 23.90 -23.04 46.60
CA ALA A 134 24.99 -22.76 47.53
C ALA A 134 24.46 -22.30 48.88
N HIS A 136 21.30 -23.01 50.17
CA HIS A 136 20.68 -24.17 50.82
C HIS A 136 21.70 -25.11 51.41
N ALA A 137 22.87 -25.23 50.78
CA ALA A 137 23.93 -26.03 51.36
C ALA A 137 24.42 -25.45 52.69
N LYS A 138 24.59 -24.12 52.75
CA LYS A 138 25.03 -23.46 53.98
C LYS A 138 24.02 -23.65 55.10
N ILE A 139 22.72 -23.65 54.77
CA ILE A 139 21.70 -23.86 55.79
C ILE A 139 21.82 -25.26 56.37
N VAL A 140 21.98 -26.25 55.49
CA VAL A 140 22.10 -27.63 55.94
C VAL A 140 23.37 -27.82 56.77
N ALA A 141 24.43 -27.09 56.43
CA ALA A 141 25.66 -27.15 57.21
C ALA A 141 25.45 -26.64 58.63
N LEU A 142 24.89 -25.44 58.75
CA LEU A 142 24.54 -24.85 60.05
C LEU A 142 23.50 -25.68 60.80
N GLU A 143 22.67 -26.44 60.08
CA GLU A 143 21.72 -27.32 60.74
C GLU A 143 22.41 -28.54 61.34
N GLN A 144 23.44 -29.07 60.67
CA GLN A 144 24.13 -30.21 61.28
C GLN A 144 24.88 -29.75 62.53
N GLN A 145 25.32 -28.48 62.57
CA GLN A 145 26.03 -27.97 63.74
C GLN A 145 25.15 -27.96 64.98
N GLY A 146 23.83 -28.03 64.81
CA GLY A 146 22.92 -28.05 65.93
C GLY A 146 22.58 -29.47 66.37
N ALA A 147 22.21 -30.31 65.40
CA ALA A 147 21.87 -31.74 65.57
C ALA A 147 21.72 -32.23 67.01
N VAL B 1 6.84 9.02 5.34
CA VAL B 1 7.14 7.83 6.14
C VAL B 1 7.37 6.65 5.20
N GLU B 2 8.16 5.68 5.66
CA GLU B 2 8.40 4.46 4.89
C GLU B 2 7.44 3.34 5.25
N SER B 3 6.27 3.69 5.81
CA SER B 3 5.14 2.77 5.89
C SER B 3 3.99 3.18 4.99
N LEU B 4 3.89 4.47 4.63
CA LEU B 4 3.05 4.84 3.50
C LEU B 4 3.60 4.29 2.19
N GLN B 6 4.75 1.50 1.98
CA GLN B 6 4.29 0.12 2.00
C GLN B 6 2.91 -0.04 1.35
N ALA B 7 2.08 1.00 1.42
CA ALA B 7 0.72 0.93 0.92
C ALA B 7 0.56 1.39 -0.53
N LEU B 8 1.62 1.91 -1.16
CA LEU B 8 1.49 2.48 -2.49
C LEU B 8 1.12 1.48 -3.57
N PRO B 9 1.68 0.26 -3.62
CA PRO B 9 1.26 -0.67 -4.69
C PRO B 9 -0.23 -0.97 -4.67
N GLY B 10 -0.84 -1.04 -3.48
CA GLY B 10 -2.27 -1.22 -3.41
C GLY B 10 -3.05 0.01 -3.80
N ILE B 11 -2.49 1.20 -3.55
CA ILE B 11 -3.10 2.45 -4.01
C ILE B 11 -3.20 2.44 -5.54
N GLY B 12 -2.11 2.04 -6.21
CA GLY B 12 -2.12 2.01 -7.65
C GLY B 12 -3.09 1.00 -8.22
N TRP B 13 -3.26 -0.13 -7.52
CA TRP B 13 -4.25 -1.13 -7.93
C TRP B 13 -5.65 -0.53 -7.93
N THR B 14 -5.98 0.23 -6.88
CA THR B 14 -7.26 0.93 -6.82
C THR B 14 -7.33 2.02 -7.88
N ALA B 15 -6.28 2.82 -8.00
CA ALA B 15 -6.26 3.90 -8.99
C ALA B 15 -6.32 3.33 -10.40
N ALA B 16 -5.64 2.21 -10.64
CA ALA B 16 -5.67 1.59 -11.96
C ALA B 16 -7.08 1.13 -12.31
N LEU B 17 -7.68 0.33 -11.44
CA LEU B 17 -9.02 -0.17 -11.69
C LEU B 17 -10.07 0.93 -11.73
N LEU B 18 -9.76 2.10 -11.15
CA LEU B 18 -10.67 3.23 -11.23
C LEU B 18 -10.74 3.79 -12.64
N LEU B 19 -9.59 4.05 -13.26
CA LEU B 19 -9.59 4.49 -14.64
C LEU B 19 -10.13 3.40 -15.56
N PHE B 22 -13.89 3.85 -15.67
CA PHE B 22 -14.34 4.89 -16.58
C PHE B 22 -14.40 4.37 -18.01
N TYR B 23 -13.32 3.75 -18.47
CA TYR B 23 -13.26 3.27 -19.86
C TYR B 23 -14.36 2.26 -20.17
N ILE B 24 -14.64 1.32 -19.27
CA ILE B 24 -15.64 0.31 -19.60
C ILE B 24 -17.04 0.93 -19.60
N PHE B 25 -17.32 1.84 -18.67
CA PHE B 25 -18.59 2.56 -18.71
C PHE B 25 -18.61 3.63 -19.80
N ALA B 26 -17.46 4.13 -20.23
CA ALA B 26 -17.44 5.07 -21.34
C ALA B 26 -17.82 4.39 -22.65
N VAL B 27 -17.30 3.19 -22.88
CA VAL B 27 -17.68 2.42 -24.06
C VAL B 27 -19.17 2.05 -24.00
N GLY B 29 -21.55 3.51 -22.28
CA GLY B 29 -22.37 4.70 -22.44
C GLY B 29 -22.50 5.15 -23.88
N THR B 30 -21.43 5.03 -24.65
CA THR B 30 -21.48 5.41 -26.06
C THR B 30 -22.47 4.55 -26.84
N GLU B 31 -22.43 3.23 -26.61
CA GLU B 31 -23.33 2.31 -27.30
C GLU B 31 -24.78 2.55 -26.90
N LEU B 32 -25.04 2.62 -25.60
CA LEU B 32 -26.40 2.75 -25.10
C LEU B 32 -27.01 4.10 -25.44
N PHE B 33 -26.21 5.17 -25.34
CA PHE B 33 -26.72 6.52 -25.25
C PHE B 33 -26.25 7.45 -26.36
N GLY B 34 -25.27 7.04 -27.17
CA GLY B 34 -24.62 7.97 -28.08
C GLY B 34 -25.52 8.46 -29.20
N GLU B 35 -26.43 7.60 -29.67
CA GLU B 35 -27.28 7.99 -30.79
C GLU B 35 -28.31 9.04 -30.37
N ALA B 36 -28.91 8.87 -29.19
CA ALA B 36 -29.89 9.82 -28.70
C ALA B 36 -29.24 11.03 -28.02
N PHE B 37 -28.01 10.91 -27.55
CA PHE B 37 -27.33 11.98 -26.81
C PHE B 37 -25.92 12.15 -27.33
N PRO B 38 -25.77 12.61 -28.57
CA PRO B 38 -24.41 12.73 -29.13
C PRO B 38 -23.54 13.77 -28.45
N GLN B 39 -24.12 14.79 -27.83
CA GLN B 39 -23.31 15.77 -27.11
C GLN B 39 -22.70 15.19 -25.85
N TRP B 40 -23.31 14.15 -25.29
CA TRP B 40 -22.90 13.56 -24.02
C TRP B 40 -22.26 12.20 -24.17
N PHE B 41 -22.67 11.41 -25.16
CA PHE B 41 -22.16 10.06 -25.32
C PHE B 41 -21.87 9.70 -26.77
N GLY B 42 -21.87 10.67 -27.68
CA GLY B 42 -21.66 10.38 -29.10
C GLY B 42 -20.31 9.80 -29.42
N SER B 43 -19.36 9.89 -28.50
CA SER B 43 -18.02 9.35 -28.73
C SER B 43 -17.47 8.86 -27.40
N LEU B 44 -16.33 8.17 -27.48
CA LEU B 44 -15.69 7.70 -26.25
C LEU B 44 -15.12 8.86 -25.45
N GLY B 45 -14.52 9.84 -26.11
CA GLY B 45 -14.07 11.03 -25.42
C GLY B 45 -15.21 11.83 -24.81
N ALA B 46 -16.33 11.92 -25.52
CA ALA B 46 -17.51 12.60 -24.97
C ALA B 46 -18.07 11.83 -23.78
N SER B 47 -18.09 10.50 -23.87
CA SER B 47 -18.63 9.70 -22.77
C SER B 47 -17.75 9.76 -21.54
N ILE B 48 -16.43 9.70 -21.73
CA ILE B 48 -15.51 9.69 -20.61
C ILE B 48 -15.60 11.00 -19.84
N TYR B 49 -15.91 12.09 -20.54
CA TYR B 49 -15.97 13.41 -19.93
C TYR B 49 -17.33 13.66 -19.30
N SER B 50 -18.39 13.07 -19.86
CA SER B 50 -19.70 13.12 -19.21
C SER B 50 -19.69 12.33 -17.90
N LEU B 51 -19.04 11.16 -17.90
CA LEU B 51 -18.91 10.40 -16.66
C LEU B 51 -18.09 11.15 -15.63
N PHE B 52 -17.05 11.86 -16.07
CA PHE B 52 -16.24 12.65 -15.15
C PHE B 52 -17.06 13.74 -14.48
N GLN B 53 -17.87 14.46 -15.26
CA GLN B 53 -18.71 15.52 -14.70
C GLN B 53 -19.67 14.96 -13.64
N ILE B 54 -20.25 13.79 -13.90
CA ILE B 54 -21.18 13.19 -12.94
C ILE B 54 -20.49 12.94 -11.61
N THR B 56 -17.72 14.31 -10.40
CA THR B 56 -17.23 15.53 -9.77
C THR B 56 -18.37 16.49 -9.40
N LEU B 57 -19.58 15.96 -9.24
CA LEU B 57 -20.76 16.71 -8.78
C LEU B 57 -20.98 17.99 -9.57
N GLU B 58 -20.61 17.95 -10.82
CA GLU B 58 -21.04 18.86 -11.88
C GLU B 58 -22.01 18.05 -12.72
N SER B 59 -23.31 18.38 -12.63
CA SER B 59 -24.52 17.60 -12.93
C SER B 59 -25.42 17.51 -11.69
N TRP B 60 -25.11 18.38 -10.73
CA TRP B 60 -25.92 18.88 -9.63
CA TRP B 60 -26.14 18.66 -9.76
C TRP B 60 -26.93 19.92 -10.08
N SER B 61 -26.68 20.56 -11.26
CA SER B 61 -27.41 21.68 -11.86
C SER B 61 -27.89 21.41 -13.29
N GLY B 63 -27.44 18.24 -14.58
CA GLY B 63 -27.72 16.85 -14.33
C GLY B 63 -27.81 15.85 -15.46
N ILE B 64 -26.74 15.65 -16.25
CA ILE B 64 -26.72 14.75 -17.40
C ILE B 64 -27.44 13.43 -17.14
N ALA B 65 -27.23 12.87 -15.96
CA ALA B 65 -27.79 11.55 -15.65
C ALA B 65 -29.31 11.52 -15.80
N ARG B 66 -29.98 12.60 -15.43
CA ARG B 66 -31.43 12.56 -15.27
C ARG B 66 -32.21 12.68 -16.58
N PRO B 67 -31.87 13.59 -17.51
CA PRO B 67 -32.58 13.56 -18.82
C PRO B 67 -32.33 12.28 -19.61
N VAL B 68 -31.20 11.61 -19.41
CA VAL B 68 -31.02 10.29 -20.00
C VAL B 68 -31.98 9.28 -19.37
N GLU B 70 -34.79 9.98 -18.32
CA GLU B 70 -36.14 10.33 -18.69
C GLU B 70 -36.49 9.69 -20.03
N VAL B 71 -35.55 9.75 -20.99
CA VAL B 71 -35.74 9.10 -22.28
C VAL B 71 -35.62 7.58 -22.14
N TYR B 72 -34.63 7.12 -21.39
CA TYR B 72 -34.42 5.69 -21.16
C TYR B 72 -34.72 5.39 -19.69
N PRO B 73 -35.86 4.78 -19.36
CA PRO B 73 -36.21 4.60 -17.93
C PRO B 73 -35.29 3.63 -17.19
N LEU B 74 -34.81 2.60 -17.88
CA LEU B 74 -33.84 1.61 -17.41
C LEU B 74 -32.43 2.14 -17.19
N ALA B 75 -32.16 3.41 -17.50
CA ALA B 75 -30.78 3.90 -17.52
C ALA B 75 -30.10 3.85 -16.16
N TRP B 76 -30.83 3.64 -15.07
CA TRP B 76 -30.19 3.54 -13.76
C TRP B 76 -29.37 2.26 -13.62
N ILE B 77 -29.69 1.22 -14.40
CA ILE B 77 -28.86 0.03 -14.43
C ILE B 77 -27.46 0.35 -14.93
N PHE B 78 -27.29 1.48 -15.61
CA PHE B 78 -25.98 1.99 -16.02
C PHE B 78 -25.40 2.95 -14.98
N PHE B 79 -26.18 3.95 -14.57
CA PHE B 79 -25.66 5.02 -13.72
C PHE B 79 -25.41 4.55 -12.30
N VAL B 80 -26.38 3.86 -11.69
CA VAL B 80 -26.24 3.45 -10.30
C VAL B 80 -25.00 2.59 -10.07
N PRO B 81 -24.75 1.53 -10.86
CA PRO B 81 -23.48 0.80 -10.67
C PRO B 81 -22.25 1.66 -10.89
N PHE B 82 -22.29 2.57 -11.87
CA PHE B 82 -21.17 3.47 -12.11
C PHE B 82 -20.87 4.32 -10.88
N ILE B 83 -21.87 5.06 -10.39
CA ILE B 83 -21.63 5.96 -9.27
C ILE B 83 -21.18 5.17 -8.04
N LEU B 84 -21.74 3.98 -7.83
CA LEU B 84 -21.37 3.18 -6.66
C LEU B 84 -19.93 2.69 -6.75
N ILE B 85 -19.58 2.04 -7.87
CA ILE B 85 -18.26 1.40 -7.94
C ILE B 85 -17.15 2.45 -8.01
N SER B 86 -17.42 3.62 -8.62
CA SER B 86 -16.40 4.64 -8.75
C SER B 86 -16.18 5.35 -7.42
N SER B 87 -17.27 5.57 -6.68
CA SER B 87 -17.16 6.16 -5.35
C SER B 87 -16.47 5.20 -4.38
N PHE B 88 -16.78 3.91 -4.50
CA PHE B 88 -16.17 2.92 -3.61
C PHE B 88 -14.67 2.80 -3.85
N VAL B 90 -12.70 5.46 -4.94
CA VAL B 90 -12.17 6.68 -4.36
C VAL B 90 -12.14 6.57 -2.83
N LEU B 91 -13.15 5.92 -2.26
CA LEU B 91 -13.15 5.66 -0.83
C LEU B 91 -11.95 4.81 -0.42
N ASN B 92 -11.68 3.75 -1.19
CA ASN B 92 -10.56 2.86 -0.86
C ASN B 92 -9.21 3.52 -1.01
N LEU B 93 -9.12 4.61 -1.80
CA LEU B 93 -7.88 5.37 -1.86
C LEU B 93 -7.56 6.03 -0.52
N PHE B 94 -8.58 6.59 0.14
CA PHE B 94 -8.37 7.21 1.43
C PHE B 94 -8.23 6.17 2.54
N ILE B 95 -9.00 5.09 2.46
CA ILE B 95 -8.89 4.03 3.47
C ILE B 95 -7.48 3.45 3.49
N ALA B 96 -6.90 3.21 2.30
CA ALA B 96 -5.55 2.67 2.25
C ALA B 96 -4.54 3.58 2.94
N ILE B 97 -4.75 4.89 2.85
CA ILE B 97 -3.86 5.83 3.53
C ILE B 97 -4.13 5.83 5.03
N ILE B 98 -5.41 5.77 5.42
CA ILE B 98 -5.76 5.74 6.84
C ILE B 98 -5.25 4.47 7.50
N VAL B 99 -5.46 3.32 6.85
CA VAL B 99 -5.02 2.04 7.43
C VAL B 99 -3.50 2.00 7.55
N SER B 100 -2.79 2.60 6.58
CA SER B 100 -1.34 2.63 6.65
C SER B 100 -0.86 3.39 7.90
N ALA B 101 -1.52 4.49 8.23
CA ALA B 101 -1.10 5.27 9.40
C ALA B 101 -1.46 4.55 10.69
N THR B 102 -2.71 4.11 10.83
CA THR B 102 -3.13 3.46 12.06
C THR B 102 -2.40 2.15 12.30
N GLN B 103 -1.89 1.50 11.25
CA GLN B 103 -1.13 0.28 11.45
C GLN B 103 0.28 0.56 11.93
N GLU B 104 0.87 1.67 11.50
CA GLU B 104 2.18 2.05 12.01
C GLU B 104 2.11 2.42 13.49
N VAL B 105 1.05 3.11 13.89
CA VAL B 105 0.86 3.43 15.31
C VAL B 105 0.65 2.18 16.12
N HIS B 106 -0.16 1.25 15.61
CA HIS B 106 -0.46 0.03 16.36
C HIS B 106 0.80 -0.80 16.57
N GLU B 107 1.66 -0.89 15.56
CA GLU B 107 2.90 -1.65 15.69
C GLU B 107 3.86 -0.98 16.68
N SER B 108 3.93 0.36 16.69
CA SER B 108 4.70 1.06 17.72
C SER B 108 4.21 0.75 19.12
N GLU B 109 2.90 0.78 19.34
CA GLU B 109 2.38 0.54 20.67
C GLU B 109 2.68 -0.86 21.17
N GLN B 110 2.84 -1.83 20.26
CA GLN B 110 3.10 -3.22 20.61
C GLN B 110 4.55 -3.43 21.04
N ARG B 111 5.51 -2.79 20.36
CA ARG B 111 6.88 -2.80 20.85
C ARG B 111 6.99 -2.10 22.19
N ALA B 112 6.23 -1.01 22.38
CA ALA B 112 6.21 -0.32 23.66
C ALA B 112 5.71 -1.23 24.78
N GLU B 113 4.67 -2.03 24.52
CA GLU B 113 4.19 -2.99 25.52
C GLU B 113 5.18 -4.10 25.80
N ARG B 114 5.91 -4.53 24.79
CA ARG B 114 6.71 -5.73 24.96
C ARG B 114 7.98 -5.40 25.75
N GLU B 115 8.62 -4.26 25.47
CA GLU B 115 9.71 -3.82 26.34
C GLU B 115 9.21 -3.25 27.67
N ALA B 116 7.93 -2.88 27.76
CA ALA B 116 7.38 -2.53 29.06
C ALA B 116 7.34 -3.74 29.97
N ASN B 117 6.90 -4.89 29.45
CA ASN B 117 6.88 -6.11 30.24
C ASN B 117 8.28 -6.68 30.43
N ASN B 118 9.11 -6.64 29.38
CA ASN B 118 10.48 -7.14 29.50
C ASN B 118 11.27 -6.34 30.53
N LEU B 119 10.92 -5.06 30.72
CA LEU B 119 11.55 -4.27 31.78
C LEU B 119 11.09 -4.73 33.15
N ILE B 120 9.76 -4.90 33.32
CA ILE B 120 9.23 -5.35 34.61
C ILE B 120 9.79 -6.72 34.96
N ALA B 121 9.89 -7.63 33.99
CA ALA B 121 10.45 -8.94 34.25
C ALA B 121 11.91 -8.83 34.69
N HIS B 122 12.68 -7.98 34.03
CA HIS B 122 14.07 -7.76 34.43
C HIS B 122 14.18 -7.18 35.83
N ASP B 123 13.38 -6.16 36.14
CA ASP B 123 13.49 -5.52 37.44
C ASP B 123 13.04 -6.44 38.57
N GLU B 124 11.99 -7.24 38.35
CA GLU B 124 11.52 -8.12 39.41
C GLU B 124 12.54 -9.21 39.71
N ARG B 125 13.21 -9.73 38.69
CA ARG B 125 14.23 -10.75 38.92
C ARG B 125 15.50 -10.14 39.51
N GLN B 126 15.86 -8.93 39.06
CA GLN B 126 17.06 -8.28 39.59
C GLN B 126 16.90 -7.95 41.07
N GLU B 127 15.71 -7.49 41.46
CA GLU B 127 15.34 -7.31 42.85
C GLU B 127 15.36 -8.60 43.67
N LEU B 129 17.47 -11.22 43.02
CA LEU B 129 18.91 -11.40 43.21
C LEU B 129 19.44 -10.51 44.33
N ASP B 130 19.06 -9.23 44.33
CA ASP B 130 19.49 -8.34 45.39
C ASP B 130 19.07 -8.87 46.77
N LEU B 131 17.84 -9.38 46.86
CA LEU B 131 17.37 -9.97 48.11
C LEU B 131 18.17 -11.23 48.44
N ARG B 133 21.30 -12.00 47.69
CA ARG B 133 22.69 -11.76 48.06
C ARG B 133 22.79 -11.28 49.50
N ALA B 134 21.87 -10.40 49.91
CA ALA B 134 21.86 -9.93 51.29
C ALA B 134 21.50 -11.06 52.25
N HIS B 136 22.03 -14.50 51.57
CA HIS B 136 23.19 -15.38 51.56
C HIS B 136 24.25 -14.86 52.52
N ALA B 137 24.47 -13.55 52.52
CA ALA B 137 25.48 -12.96 53.41
C ALA B 137 25.13 -13.20 54.87
N LYS B 138 23.86 -13.07 55.23
CA LYS B 138 23.48 -13.29 56.62
C LYS B 138 23.62 -14.75 57.02
N ILE B 139 23.37 -15.68 56.10
CA ILE B 139 23.62 -17.10 56.36
C ILE B 139 25.09 -17.31 56.71
N VAL B 140 25.98 -16.78 55.87
CA VAL B 140 27.41 -16.95 56.06
C VAL B 140 27.85 -16.30 57.36
N ALA B 141 27.23 -15.18 57.73
CA ALA B 141 27.53 -14.54 59.01
C ALA B 141 27.17 -15.47 60.16
N LEU B 142 25.95 -16.04 60.14
CA LEU B 142 25.57 -16.90 61.27
C LEU B 142 26.39 -18.17 61.26
N GLU B 143 26.91 -18.57 60.08
CA GLU B 143 27.71 -19.78 60.00
C GLU B 143 29.09 -19.56 60.63
N GLN B 144 29.66 -18.38 60.45
CA GLN B 144 30.86 -17.96 61.18
C GLN B 144 30.69 -17.97 62.68
N GLN B 145 29.50 -17.63 63.15
CA GLN B 145 29.25 -17.65 64.59
C GLN B 145 29.31 -19.04 65.18
N GLY B 146 29.20 -20.08 64.34
CA GLY B 146 29.26 -21.45 64.82
C GLY B 146 30.66 -22.03 64.76
N ALA B 147 31.32 -21.87 63.62
CA ALA B 147 32.71 -22.30 63.34
C ALA B 147 33.37 -23.19 64.40
#